data_5FTP
#
_entry.id   5FTP
#
_cell.length_a   61.249
_cell.length_b   61.249
_cell.length_c   151.559
_cell.angle_alpha   90.00
_cell.angle_beta   90.00
_cell.angle_gamma   90.00
#
_symmetry.space_group_name_H-M   'P 43'
#
loop_
_entity.id
_entity.type
_entity.pdbx_description
1 polymer 'ANAPHASE-PROMOTING COMPLEX SUBUNIT 8'
2 water water
#
_entity_poly.entity_id   1
_entity_poly.type   'polypeptide(L)'
_entity_poly.pdbx_seq_one_letter_code
;MQLREIRNCLLKCISECSERGLVYAVRWAAEMLNGMNPIEMEHIPFSSTPTGEFDLDPDMANEKLLEVEEKNIYLLAKSY
FDCKEFERAAYTLQNCKSSKSIFLRLYSKYLAGEKKSEEENETLLNTNLTLSSTNREFYYISEVLESLHYQGNKDPYLLY
LSGVVYRKRKQDSKAIDFLKSCVLKAPFFWSAWLELSLSIDSLETLTTVVSQLPSTHIMTKIFYVYASHELHQVNSSAYE
KLAEAEIIFPNSRYLKTQRALLTYDSRLFDEAESLFENILTNDPAENLYFQ
;
_entity_poly.pdbx_strand_id   A,B
#
# COMPACT_ATOMS: atom_id res chain seq x y z
N ARG A 4 26.81 4.59 6.36
CA ARG A 4 25.90 5.16 5.30
C ARG A 4 25.30 4.11 4.35
N GLU A 5 25.89 2.90 4.28
CA GLU A 5 25.22 1.73 3.72
C GLU A 5 24.15 1.18 4.69
N ILE A 6 24.10 1.72 5.93
CA ILE A 6 22.95 1.52 6.84
C ILE A 6 21.59 1.68 6.17
N ARG A 7 21.46 2.53 5.14
CA ARG A 7 20.19 2.77 4.43
C ARG A 7 19.44 1.52 4.01
N ASN A 8 20.12 0.39 3.99
CA ASN A 8 19.46 -0.93 3.98
C ASN A 8 18.42 -1.02 5.10
N CYS A 9 18.70 -0.41 6.25
CA CYS A 9 17.73 -0.30 7.36
C CYS A 9 16.51 0.52 6.96
N LEU A 10 16.70 1.61 6.21
CA LEU A 10 15.55 2.37 5.67
C LEU A 10 14.70 1.53 4.72
N LEU A 11 15.36 0.71 3.90
CA LEU A 11 14.66 -0.17 2.97
C LEU A 11 13.88 -1.25 3.70
N LYS A 12 14.51 -1.86 4.70
CA LYS A 12 13.87 -2.91 5.50
C LYS A 12 12.67 -2.36 6.27
N CYS A 13 12.78 -1.10 6.73
CA CYS A 13 11.67 -0.41 7.38
C CYS A 13 10.53 -0.15 6.42
N ILE A 14 10.86 0.47 5.27
CA ILE A 14 9.88 0.75 4.21
C ILE A 14 9.11 -0.52 3.84
N SER A 15 9.82 -1.62 3.71
CA SER A 15 9.23 -2.92 3.39
C SER A 15 8.27 -3.42 4.47
N GLU A 16 8.75 -3.45 5.71
CA GLU A 16 8.01 -3.98 6.85
C GLU A 16 6.81 -3.12 7.21
N CYS A 17 6.99 -1.81 7.14
CA CYS A 17 5.94 -0.87 7.46
C CYS A 17 4.86 -0.81 6.36
N SER A 18 5.27 -0.85 5.10
CA SER A 18 4.31 -0.92 3.98
C SER A 18 3.47 -2.19 4.10
N GLU A 19 4.12 -3.32 4.39
CA GLU A 19 3.43 -4.58 4.67
C GLU A 19 2.39 -4.52 5.79
N ARG A 20 2.53 -3.55 6.71
CA ARG A 20 1.75 -3.48 7.97
C ARG A 20 0.51 -2.53 8.24
N GLY A 21 -0.11 -1.73 7.37
CA GLY A 21 0.45 -0.73 6.51
C GLY A 21 0.55 0.57 7.32
N LEU A 22 1.70 0.69 7.95
CA LEU A 22 2.11 1.90 8.63
C LEU A 22 2.61 2.88 7.56
N VAL A 23 1.65 3.63 7.02
CA VAL A 23 1.92 4.57 5.93
C VAL A 23 2.79 5.80 6.28
N TYR A 24 2.60 6.37 7.47
CA TYR A 24 3.36 7.56 7.87
C TYR A 24 4.81 7.23 8.18
N ALA A 25 5.04 6.11 8.85
CA ALA A 25 6.38 5.55 9.03
C ALA A 25 7.11 5.36 7.71
N VAL A 26 6.41 4.89 6.69
CA VAL A 26 7.00 4.66 5.37
C VAL A 26 7.39 5.99 4.74
N ARG A 27 6.44 6.92 4.70
CA ARG A 27 6.65 8.25 4.12
C ARG A 27 7.93 8.90 4.64
N TRP A 28 8.05 8.96 5.97
CA TRP A 28 9.25 9.48 6.63
C TRP A 28 10.51 8.77 6.13
N ALA A 29 10.53 7.45 6.25
CA ALA A 29 11.69 6.64 5.86
C ALA A 29 12.09 6.87 4.41
N ALA A 30 11.10 6.97 3.54
CA ALA A 30 11.32 7.26 2.12
C ALA A 30 11.95 8.63 1.93
N GLU A 31 11.39 9.64 2.60
CA GLU A 31 11.96 10.99 2.51
C GLU A 31 13.42 11.03 2.94
N MET A 32 13.74 10.31 4.00
CA MET A 32 15.11 10.20 4.47
C MET A 32 15.97 9.51 3.43
N LEU A 33 15.45 8.39 2.90
CA LEU A 33 16.17 7.56 1.93
C LEU A 33 16.59 8.34 0.69
N ASN A 34 15.64 9.06 0.11
CA ASN A 34 15.94 9.98 -0.97
C ASN A 34 16.60 11.15 -0.25
N GLY A 35 17.34 11.97 -0.99
CA GLY A 35 18.11 13.02 -0.33
C GLY A 35 19.11 12.64 0.75
N MET A 36 19.70 11.43 0.67
CA MET A 36 20.93 11.12 1.41
C MET A 36 22.16 10.85 0.51
N ASN A 37 22.50 11.86 -0.30
CA ASN A 37 23.72 11.88 -1.17
C ASN A 37 23.56 11.07 -2.49
N PRO A 38 24.61 11.06 -3.34
CA PRO A 38 24.62 10.13 -4.49
C PRO A 38 24.89 8.66 -4.11
N ILE A 39 24.02 7.77 -4.60
CA ILE A 39 23.97 6.36 -4.17
C ILE A 39 24.67 5.44 -5.20
N GLU A 40 25.73 4.76 -4.77
CA GLU A 40 26.47 3.81 -5.63
C GLU A 40 25.77 2.45 -5.64
N MET A 60 10.47 -6.67 -21.02
CA MET A 60 11.58 -5.92 -21.59
C MET A 60 12.64 -5.78 -20.54
N ALA A 61 13.90 -5.99 -20.94
CA ALA A 61 15.07 -5.77 -20.06
C ALA A 61 15.12 -4.31 -19.61
N ASN A 62 14.84 -3.43 -20.55
CA ASN A 62 15.05 -1.99 -20.34
C ASN A 62 14.10 -1.41 -19.27
N GLU A 63 12.88 -1.96 -19.25
CA GLU A 63 11.87 -1.60 -18.28
C GLU A 63 12.35 -1.85 -16.85
N LYS A 64 12.60 -3.11 -16.51
CA LYS A 64 13.07 -3.43 -15.16
C LYS A 64 14.33 -2.63 -14.77
N LEU A 65 15.17 -2.31 -15.76
CA LEU A 65 16.39 -1.52 -15.49
C LEU A 65 16.04 -0.12 -15.02
N LEU A 66 15.05 0.51 -15.67
CA LEU A 66 14.53 1.82 -15.24
C LEU A 66 13.83 1.77 -13.88
N GLU A 67 13.16 0.65 -13.59
CA GLU A 67 12.55 0.43 -12.28
C GLU A 67 13.59 0.42 -11.16
N VAL A 68 14.77 -0.12 -11.45
CA VAL A 68 15.88 -0.14 -10.50
C VAL A 68 16.42 1.28 -10.29
N GLU A 69 16.60 2.00 -11.40
CA GLU A 69 17.01 3.41 -11.35
C GLU A 69 16.06 4.28 -10.52
N GLU A 70 14.76 4.01 -10.62
CA GLU A 70 13.75 4.84 -9.97
C GLU A 70 13.17 4.22 -8.69
N LYS A 71 13.73 3.11 -8.24
CA LYS A 71 13.28 2.41 -7.02
C LYS A 71 13.01 3.39 -5.88
N ASN A 72 14.00 4.20 -5.55
CA ASN A 72 13.90 5.15 -4.44
C ASN A 72 12.85 6.23 -4.69
N ILE A 73 12.87 6.80 -5.89
CA ILE A 73 11.93 7.84 -6.26
C ILE A 73 10.49 7.31 -6.31
N TYR A 74 10.33 6.07 -6.77
CA TYR A 74 9.03 5.43 -6.78
C TYR A 74 8.55 5.20 -5.35
N LEU A 75 9.37 4.51 -4.55
CA LEU A 75 9.06 4.22 -3.15
C LEU A 75 8.53 5.45 -2.43
N LEU A 76 9.16 6.59 -2.68
CA LEU A 76 8.70 7.87 -2.13
C LEU A 76 7.31 8.23 -2.61
N ALA A 77 7.14 8.34 -3.92
CA ALA A 77 5.85 8.73 -4.49
C ALA A 77 4.70 7.84 -4.02
N LYS A 78 4.94 6.54 -3.99
CA LYS A 78 3.96 5.59 -3.50
C LYS A 78 3.58 5.84 -2.04
N SER A 79 4.57 6.24 -1.23
CA SER A 79 4.35 6.60 0.17
C SER A 79 3.39 7.79 0.29
N TYR A 80 3.65 8.83 -0.50
CA TYR A 80 2.75 9.98 -0.59
C TYR A 80 1.36 9.56 -1.09
N PHE A 81 1.34 8.69 -2.10
CA PHE A 81 0.11 8.16 -2.65
C PHE A 81 -0.74 7.40 -1.60
N ASP A 82 -0.08 6.61 -0.76
CA ASP A 82 -0.76 5.87 0.31
C ASP A 82 -1.25 6.74 1.46
N CYS A 83 -0.67 7.93 1.60
CA CYS A 83 -1.19 8.96 2.49
C CYS A 83 -2.22 9.92 1.80
N LYS A 84 -2.76 9.50 0.65
CA LYS A 84 -3.69 10.32 -0.14
C LYS A 84 -3.14 11.70 -0.57
N GLU A 85 -1.81 11.81 -0.68
CA GLU A 85 -1.14 13.06 -1.05
C GLU A 85 -0.82 12.97 -2.53
N PHE A 86 -1.87 13.00 -3.34
CA PHE A 86 -1.76 12.57 -4.73
C PHE A 86 -0.95 13.49 -5.63
N GLU A 87 -1.19 14.81 -5.54
CA GLU A 87 -0.50 15.79 -6.38
C GLU A 87 1.00 15.70 -6.15
N ARG A 88 1.37 15.62 -4.89
CA ARG A 88 2.77 15.44 -4.50
C ARG A 88 3.39 14.16 -5.02
N ALA A 89 2.61 13.07 -5.02
CA ALA A 89 3.07 11.80 -5.58
C ALA A 89 3.42 11.94 -7.06
N ALA A 90 2.54 12.62 -7.80
CA ALA A 90 2.72 12.85 -9.25
C ALA A 90 3.93 13.75 -9.53
N TYR A 91 4.04 14.86 -8.79
CA TYR A 91 5.19 15.75 -8.92
C TYR A 91 6.49 14.99 -8.69
N THR A 92 6.51 14.12 -7.69
CA THR A 92 7.70 13.33 -7.38
C THR A 92 8.23 12.58 -8.61
N LEU A 93 7.34 11.94 -9.36
CA LEU A 93 7.75 11.15 -10.52
C LEU A 93 7.62 11.89 -11.85
N GLN A 94 7.77 13.22 -11.85
CA GLN A 94 7.53 13.99 -13.07
C GLN A 94 8.50 13.67 -14.21
N ASN A 95 9.76 13.41 -13.89
CA ASN A 95 10.77 13.08 -14.92
C ASN A 95 11.14 11.60 -14.96
N CYS A 96 10.22 10.73 -14.52
CA CYS A 96 10.48 9.28 -14.46
C CYS A 96 9.99 8.59 -15.72
N LYS A 97 10.82 7.68 -16.26
CA LYS A 97 10.57 7.08 -17.55
C LYS A 97 9.97 5.65 -17.51
N SER A 98 10.05 4.96 -16.37
CA SER A 98 9.49 3.60 -16.27
C SER A 98 7.97 3.64 -16.26
N SER A 99 7.37 2.64 -16.89
CA SER A 99 5.94 2.61 -17.07
C SER A 99 5.14 2.46 -15.75
N LYS A 100 5.76 1.83 -14.76
CA LYS A 100 5.24 1.81 -13.40
C LYS A 100 5.16 3.25 -12.86
N SER A 101 6.24 4.01 -13.01
CA SER A 101 6.29 5.40 -12.54
C SER A 101 5.29 6.25 -13.31
N ILE A 102 5.24 6.03 -14.62
CA ILE A 102 4.32 6.76 -15.49
C ILE A 102 2.88 6.45 -15.12
N PHE A 103 2.57 5.16 -14.97
CA PHE A 103 1.24 4.73 -14.54
C PHE A 103 0.83 5.39 -13.22
N LEU A 104 1.69 5.27 -12.23
CA LEU A 104 1.43 5.85 -10.92
C LEU A 104 1.22 7.36 -11.01
N ARG A 105 2.09 8.03 -11.77
CA ARG A 105 1.96 9.48 -12.00
C ARG A 105 0.59 9.81 -12.56
N LEU A 106 0.21 9.15 -13.65
CA LEU A 106 -1.08 9.37 -14.31
C LEU A 106 -2.28 9.06 -13.42
N TYR A 107 -2.18 8.01 -12.62
CA TYR A 107 -3.27 7.61 -11.70
C TYR A 107 -3.44 8.60 -10.57
N SER A 108 -2.31 8.95 -9.95
CA SER A 108 -2.26 10.01 -8.95
C SER A 108 -2.86 11.31 -9.45
N LYS A 109 -2.54 11.67 -10.71
CA LYS A 109 -3.05 12.90 -11.30
C LYS A 109 -4.55 12.83 -11.38
N TYR A 110 -5.06 11.75 -11.96
CA TYR A 110 -6.50 11.56 -12.05
C TYR A 110 -7.16 11.76 -10.67
N LEU A 111 -6.62 11.09 -9.66
CA LEU A 111 -7.09 11.29 -8.28
C LEU A 111 -6.70 12.73 -7.80
N ALA A 112 -7.45 13.71 -8.29
CA ALA A 112 -7.53 15.04 -7.73
C ALA A 112 -8.91 15.57 -8.14
N GLY A 113 -9.79 15.72 -7.16
CA GLY A 113 -11.22 16.04 -7.38
C GLY A 113 -12.07 14.78 -7.42
N THR A 130 -15.19 4.89 -12.31
CA THR A 130 -14.13 5.57 -11.54
C THR A 130 -13.60 6.78 -12.30
N LEU A 131 -12.95 6.52 -13.43
CA LEU A 131 -12.41 7.56 -14.31
C LEU A 131 -13.47 8.22 -15.26
N SER A 132 -13.49 9.56 -15.28
CA SER A 132 -14.53 10.40 -15.87
C SER A 132 -13.98 11.52 -16.75
N SER A 133 -14.82 11.97 -17.70
CA SER A 133 -14.52 13.11 -18.58
C SER A 133 -14.55 14.48 -17.90
N THR A 134 -15.33 14.61 -16.83
CA THR A 134 -15.54 15.89 -16.15
C THR A 134 -14.43 16.19 -15.16
N ASN A 135 -13.61 15.19 -14.84
CA ASN A 135 -12.40 15.37 -14.03
C ASN A 135 -11.42 16.33 -14.72
N ARG A 136 -10.84 17.21 -13.92
CA ARG A 136 -9.97 18.25 -14.49
C ARG A 136 -8.73 17.72 -15.21
N GLU A 137 -8.25 16.56 -14.78
CA GLU A 137 -7.01 15.97 -15.31
C GLU A 137 -7.26 15.03 -16.50
N PHE A 138 -8.50 14.85 -16.96
CA PHE A 138 -8.78 13.75 -17.90
C PHE A 138 -8.15 13.89 -19.28
N TYR A 139 -8.22 15.09 -19.86
CA TYR A 139 -7.62 15.31 -21.18
C TYR A 139 -6.11 15.06 -21.13
N TYR A 140 -5.45 15.67 -20.15
CA TYR A 140 -4.01 15.42 -19.91
C TYR A 140 -3.61 13.92 -19.93
N ILE A 141 -4.31 13.10 -19.17
CA ILE A 141 -4.12 11.64 -19.21
C ILE A 141 -4.20 11.12 -20.63
N SER A 142 -5.30 11.45 -21.31
CA SER A 142 -5.54 11.01 -22.67
C SER A 142 -4.32 11.27 -23.55
N GLU A 143 -3.88 12.54 -23.53
CA GLU A 143 -2.75 12.99 -24.32
C GLU A 143 -1.49 12.22 -24.03
N VAL A 144 -1.20 12.08 -22.74
CA VAL A 144 0.03 11.40 -22.31
C VAL A 144 0.00 9.96 -22.81
N LEU A 145 -1.18 9.35 -22.78
CA LEU A 145 -1.34 7.97 -23.26
C LEU A 145 -1.20 7.88 -24.79
N GLU A 146 -1.71 8.87 -25.53
CA GLU A 146 -1.51 8.93 -26.98
C GLU A 146 -0.05 8.98 -27.39
N SER A 147 0.71 9.92 -26.84
CA SER A 147 2.15 10.03 -27.11
C SER A 147 2.87 8.69 -26.87
N LEU A 148 2.56 8.05 -25.75
CA LEU A 148 3.10 6.74 -25.42
C LEU A 148 2.79 5.62 -26.40
N HIS A 149 1.62 5.69 -27.05
CA HIS A 149 1.25 4.68 -28.05
C HIS A 149 2.06 4.88 -29.33
N TYR A 150 2.23 6.11 -29.78
CA TYR A 150 3.06 6.40 -30.96
C TYR A 150 4.54 6.06 -30.74
N GLN A 151 4.97 6.13 -29.49
CA GLN A 151 6.28 5.61 -29.06
C GLN A 151 6.35 4.10 -28.87
N GLY A 152 5.32 3.34 -29.20
CA GLY A 152 5.43 1.87 -29.16
C GLY A 152 5.54 1.26 -27.77
N ASN A 153 5.19 2.02 -26.74
CA ASN A 153 4.94 1.46 -25.41
C ASN A 153 3.76 0.54 -25.48
N LYS A 154 3.89 -0.62 -24.82
CA LYS A 154 2.78 -1.52 -24.56
C LYS A 154 2.85 -2.26 -23.20
N ASP A 155 3.14 -1.49 -22.15
CA ASP A 155 3.01 -1.97 -20.77
C ASP A 155 1.53 -2.21 -20.54
N PRO A 156 1.17 -3.36 -19.93
CA PRO A 156 -0.27 -3.67 -19.79
C PRO A 156 -1.11 -2.65 -18.98
N TYR A 157 -0.55 -2.13 -17.89
CA TYR A 157 -1.31 -1.23 -17.01
C TYR A 157 -1.60 0.10 -17.70
N LEU A 158 -0.68 0.56 -18.54
CA LEU A 158 -0.94 1.71 -19.38
C LEU A 158 -1.92 1.35 -20.50
N LEU A 159 -1.78 0.16 -21.11
CA LEU A 159 -2.75 -0.31 -22.10
C LEU A 159 -4.14 -0.29 -21.47
N TYR A 160 -4.23 -0.82 -20.26
CA TYR A 160 -5.44 -0.76 -19.46
C TYR A 160 -5.99 0.66 -19.38
N LEU A 161 -5.15 1.58 -18.93
CA LEU A 161 -5.51 2.97 -18.83
C LEU A 161 -6.02 3.49 -20.17
N SER A 162 -5.27 3.23 -21.24
CA SER A 162 -5.68 3.61 -22.59
C SER A 162 -7.06 3.08 -22.89
N GLY A 163 -7.22 1.77 -22.71
CA GLY A 163 -8.50 1.08 -22.90
C GLY A 163 -9.66 1.72 -22.17
N VAL A 164 -9.44 2.08 -20.91
CA VAL A 164 -10.46 2.78 -20.09
C VAL A 164 -10.85 4.14 -20.69
N VAL A 165 -9.85 4.95 -21.01
CA VAL A 165 -10.04 6.30 -21.53
C VAL A 165 -10.80 6.30 -22.87
N TYR A 166 -10.46 5.38 -23.78
CA TYR A 166 -11.16 5.25 -25.06
C TYR A 166 -12.64 4.89 -24.89
N ARG A 167 -12.97 4.00 -23.95
CA ARG A 167 -14.36 3.67 -23.66
C ARG A 167 -15.12 4.92 -23.23
N LYS A 168 -14.57 5.63 -22.26
CA LYS A 168 -15.13 6.91 -21.78
C LYS A 168 -15.37 7.93 -22.88
N ARG A 169 -14.51 7.92 -23.90
CA ARG A 169 -14.68 8.76 -25.07
C ARG A 169 -15.51 8.09 -26.19
N LYS A 170 -16.34 7.12 -25.82
CA LYS A 170 -17.23 6.38 -26.74
C LYS A 170 -16.53 5.79 -27.99
N GLN A 171 -15.29 5.33 -27.81
CA GLN A 171 -14.55 4.62 -28.85
C GLN A 171 -14.39 3.16 -28.46
N ASP A 172 -15.49 2.41 -28.60
CA ASP A 172 -15.56 1.03 -28.13
C ASP A 172 -14.56 0.12 -28.84
N SER A 173 -14.55 0.15 -30.17
CA SER A 173 -13.71 -0.78 -30.94
C SER A 173 -12.22 -0.59 -30.65
N LYS A 174 -11.81 0.64 -30.32
CA LYS A 174 -10.44 0.95 -29.90
C LYS A 174 -10.15 0.54 -28.47
N ALA A 175 -11.13 0.68 -27.59
CA ALA A 175 -11.03 0.25 -26.18
C ALA A 175 -10.82 -1.25 -26.09
N ILE A 176 -11.58 -1.99 -26.87
CA ILE A 176 -11.43 -3.44 -26.96
C ILE A 176 -10.01 -3.78 -27.42
N ASP A 177 -9.50 -3.08 -28.43
CA ASP A 177 -8.15 -3.35 -28.95
C ASP A 177 -7.11 -3.30 -27.83
N PHE A 178 -7.10 -2.20 -27.10
CA PHE A 178 -6.15 -2.00 -26.00
C PHE A 178 -6.37 -2.96 -24.83
N LEU A 179 -7.61 -3.13 -24.43
CA LEU A 179 -7.94 -4.02 -23.30
C LEU A 179 -7.61 -5.49 -23.64
N LYS A 180 -7.85 -5.89 -24.89
CA LYS A 180 -7.43 -7.23 -25.39
C LYS A 180 -5.92 -7.45 -25.24
N SER A 181 -5.13 -6.46 -25.68
CA SER A 181 -3.67 -6.53 -25.55
C SER A 181 -3.29 -6.70 -24.09
N CYS A 182 -3.77 -5.78 -23.26
CA CYS A 182 -3.57 -5.84 -21.81
C CYS A 182 -3.73 -7.26 -21.27
N VAL A 183 -4.90 -7.86 -21.47
CA VAL A 183 -5.22 -9.15 -20.85
C VAL A 183 -4.39 -10.33 -21.35
N LEU A 184 -3.93 -10.25 -22.61
CA LEU A 184 -3.00 -11.24 -23.14
C LEU A 184 -1.69 -11.21 -22.35
N LYS A 185 -1.20 -10.00 -22.07
CA LYS A 185 0.02 -9.79 -21.27
C LYS A 185 -0.24 -9.97 -19.76
N ALA A 186 -1.37 -9.47 -19.26
CA ALA A 186 -1.70 -9.47 -17.83
C ALA A 186 -3.01 -10.23 -17.57
N PRO A 187 -3.00 -11.56 -17.76
CA PRO A 187 -4.24 -12.35 -17.76
C PRO A 187 -5.04 -12.43 -16.46
N PHE A 188 -4.40 -12.21 -15.31
CA PHE A 188 -5.11 -12.23 -14.01
C PHE A 188 -5.47 -10.83 -13.48
N PHE A 189 -5.46 -9.83 -14.36
CA PHE A 189 -5.78 -8.45 -14.00
C PHE A 189 -7.25 -8.19 -14.27
N TRP A 190 -8.07 -8.44 -13.24
CA TRP A 190 -9.53 -8.48 -13.38
C TRP A 190 -10.16 -7.19 -13.88
N SER A 191 -9.68 -6.05 -13.38
CA SER A 191 -10.20 -4.74 -13.77
C SER A 191 -10.19 -4.51 -15.29
N ALA A 192 -9.20 -5.07 -15.98
CA ALA A 192 -9.12 -5.00 -17.45
C ALA A 192 -10.18 -5.88 -18.15
N TRP A 193 -10.48 -7.05 -17.59
CA TRP A 193 -11.54 -7.91 -18.13
C TRP A 193 -12.91 -7.28 -17.98
N LEU A 194 -13.12 -6.55 -16.88
CA LEU A 194 -14.39 -5.90 -16.61
C LEU A 194 -14.67 -4.76 -17.57
N GLU A 195 -13.67 -3.89 -17.73
CA GLU A 195 -13.71 -2.81 -18.74
C GLU A 195 -13.89 -3.35 -20.15
N LEU A 196 -13.26 -4.49 -20.42
CA LEU A 196 -13.43 -5.19 -21.69
C LEU A 196 -14.89 -5.60 -21.88
N SER A 197 -15.45 -6.33 -20.91
CA SER A 197 -16.86 -6.69 -20.92
C SER A 197 -17.79 -5.48 -21.10
N LEU A 198 -17.44 -4.37 -20.43
CA LEU A 198 -18.20 -3.11 -20.57
C LEU A 198 -18.09 -2.49 -21.95
N SER A 199 -16.94 -2.65 -22.60
CA SER A 199 -16.75 -2.22 -24.00
C SER A 199 -17.45 -3.09 -25.05
N ILE A 200 -17.95 -4.26 -24.66
CA ILE A 200 -18.63 -5.18 -25.57
C ILE A 200 -20.12 -5.03 -25.42
N ASP A 201 -20.81 -4.83 -26.56
CA ASP A 201 -22.25 -4.54 -26.60
C ASP A 201 -23.12 -5.49 -27.45
N SER A 202 -22.51 -6.47 -28.11
CA SER A 202 -23.25 -7.50 -28.82
C SER A 202 -22.60 -8.86 -28.62
N LEU A 203 -23.37 -9.92 -28.86
CA LEU A 203 -22.86 -11.29 -28.81
C LEU A 203 -21.88 -11.53 -29.95
N GLU A 204 -22.12 -10.92 -31.11
CA GLU A 204 -21.14 -10.88 -32.22
C GLU A 204 -19.78 -10.35 -31.74
N THR A 205 -19.74 -9.06 -31.35
CA THR A 205 -18.52 -8.44 -30.83
C THR A 205 -17.86 -9.31 -29.75
N LEU A 206 -18.66 -9.96 -28.92
CA LEU A 206 -18.13 -10.88 -27.90
C LEU A 206 -17.47 -12.07 -28.57
N THR A 207 -18.26 -12.86 -29.30
CA THR A 207 -17.75 -14.07 -29.98
C THR A 207 -16.44 -13.81 -30.72
N THR A 208 -16.37 -12.68 -31.43
CA THR A 208 -15.16 -12.20 -32.09
C THR A 208 -13.97 -12.19 -31.13
N VAL A 209 -14.05 -11.34 -30.09
CA VAL A 209 -12.95 -11.15 -29.12
C VAL A 209 -12.50 -12.46 -28.48
N VAL A 210 -13.48 -13.29 -28.10
CA VAL A 210 -13.20 -14.57 -27.40
C VAL A 210 -12.35 -15.49 -28.28
N SER A 211 -12.62 -15.46 -29.59
CA SER A 211 -11.84 -16.21 -30.58
C SER A 211 -10.39 -15.72 -30.77
N GLN A 212 -10.04 -14.60 -30.15
CA GLN A 212 -8.69 -14.04 -30.18
C GLN A 212 -7.94 -14.17 -28.86
N LEU A 213 -8.55 -14.81 -27.85
CA LEU A 213 -7.91 -15.04 -26.54
C LEU A 213 -7.54 -16.52 -26.41
N PRO A 214 -6.51 -16.84 -25.61
CA PRO A 214 -6.15 -18.24 -25.38
C PRO A 214 -7.35 -19.04 -24.87
N SER A 215 -7.97 -19.84 -25.74
CA SER A 215 -9.16 -20.64 -25.37
C SER A 215 -9.01 -21.58 -24.16
N THR A 216 -7.89 -22.29 -24.06
CA THR A 216 -7.64 -23.17 -22.90
C THR A 216 -7.43 -22.43 -21.57
N HIS A 217 -7.12 -21.14 -21.61
CA HIS A 217 -6.58 -20.44 -20.44
C HIS A 217 -7.74 -20.20 -19.46
N ILE A 218 -7.51 -20.36 -18.15
CA ILE A 218 -8.58 -20.28 -17.12
C ILE A 218 -9.35 -18.95 -17.12
N MET A 219 -8.63 -17.85 -17.26
CA MET A 219 -9.20 -16.50 -17.26
C MET A 219 -10.06 -16.20 -18.48
N THR A 220 -9.67 -16.67 -19.66
CA THR A 220 -10.51 -16.61 -20.86
C THR A 220 -11.88 -17.24 -20.63
N LYS A 221 -11.90 -18.31 -19.84
CA LYS A 221 -13.14 -19.00 -19.49
C LYS A 221 -13.93 -18.19 -18.48
N ILE A 222 -13.26 -17.69 -17.44
CA ILE A 222 -13.89 -16.88 -16.38
C ILE A 222 -14.54 -15.62 -16.98
N PHE A 223 -13.82 -15.01 -17.92
CA PHE A 223 -14.30 -13.89 -18.71
C PHE A 223 -15.58 -14.21 -19.47
N TYR A 224 -15.53 -15.26 -20.29
CA TYR A 224 -16.66 -15.67 -21.12
C TYR A 224 -17.96 -15.93 -20.31
N VAL A 225 -17.82 -16.43 -19.09
CA VAL A 225 -18.96 -16.63 -18.19
C VAL A 225 -19.50 -15.27 -17.73
N TYR A 226 -18.61 -14.39 -17.28
CA TYR A 226 -18.99 -13.04 -16.87
C TYR A 226 -19.66 -12.29 -18.02
N ALA A 227 -18.97 -12.23 -19.15
CA ALA A 227 -19.42 -11.47 -20.33
C ALA A 227 -20.77 -11.97 -20.83
N SER A 228 -20.88 -13.28 -21.04
CA SER A 228 -22.12 -13.91 -21.50
C SER A 228 -23.30 -13.52 -20.59
N HIS A 229 -23.09 -13.58 -19.28
CA HIS A 229 -24.11 -13.16 -18.32
C HIS A 229 -24.49 -11.69 -18.47
N GLU A 230 -23.49 -10.82 -18.51
CA GLU A 230 -23.72 -9.36 -18.63
C GLU A 230 -24.41 -8.95 -19.93
N LEU A 231 -24.23 -9.76 -20.97
CA LEU A 231 -24.98 -9.66 -22.23
C LEU A 231 -26.30 -10.44 -22.21
N HIS A 232 -26.46 -11.30 -21.20
CA HIS A 232 -27.60 -12.20 -21.08
C HIS A 232 -27.72 -13.04 -22.34
N GLN A 233 -26.61 -13.64 -22.77
CA GLN A 233 -26.60 -14.62 -23.85
C GLN A 233 -25.92 -15.88 -23.34
N VAL A 234 -26.59 -16.48 -22.37
CA VAL A 234 -26.07 -17.57 -21.59
C VAL A 234 -26.56 -18.87 -22.19
N ASN A 235 -25.60 -19.75 -22.45
CA ASN A 235 -25.83 -21.00 -23.13
C ASN A 235 -25.10 -22.14 -22.43
N SER A 236 -25.23 -23.35 -22.97
CA SER A 236 -24.55 -24.55 -22.47
C SER A 236 -23.10 -24.32 -22.09
N SER A 237 -22.33 -23.76 -23.03
CA SER A 237 -20.88 -23.66 -22.91
C SER A 237 -20.48 -22.86 -21.69
N ALA A 238 -21.23 -21.79 -21.39
CA ALA A 238 -21.00 -21.00 -20.18
C ALA A 238 -21.03 -21.85 -18.90
N TYR A 239 -22.06 -22.71 -18.78
CA TYR A 239 -22.17 -23.61 -17.64
C TYR A 239 -21.03 -24.62 -17.62
N GLU A 240 -20.70 -25.15 -18.79
CA GLU A 240 -19.54 -26.04 -18.95
C GLU A 240 -18.27 -25.39 -18.37
N LYS A 241 -17.97 -24.17 -18.81
CA LYS A 241 -16.75 -23.46 -18.42
C LYS A 241 -16.76 -23.06 -16.94
N LEU A 242 -17.94 -22.72 -16.41
CA LEU A 242 -18.05 -22.37 -14.99
C LEU A 242 -17.70 -23.57 -14.09
N ALA A 243 -18.21 -24.75 -14.43
CA ALA A 243 -17.80 -25.99 -13.77
C ALA A 243 -16.27 -26.23 -13.79
N GLU A 244 -15.65 -25.96 -14.94
CA GLU A 244 -14.19 -26.07 -15.12
C GLU A 244 -13.40 -25.10 -14.23
N ALA A 245 -13.95 -23.91 -14.03
CA ALA A 245 -13.37 -22.91 -13.14
C ALA A 245 -13.54 -23.29 -11.67
N GLU A 246 -14.68 -23.88 -11.33
CA GLU A 246 -15.01 -24.24 -9.95
C GLU A 246 -14.15 -25.37 -9.40
N ILE A 247 -13.64 -26.23 -10.30
CA ILE A 247 -12.68 -27.28 -9.92
C ILE A 247 -11.33 -26.66 -9.50
N ILE A 248 -10.99 -25.51 -10.08
CA ILE A 248 -9.77 -24.79 -9.74
C ILE A 248 -9.99 -23.96 -8.47
N PHE A 249 -11.12 -23.25 -8.42
CA PHE A 249 -11.46 -22.35 -7.31
C PHE A 249 -12.75 -22.80 -6.60
N PRO A 250 -12.66 -23.89 -5.80
CA PRO A 250 -13.86 -24.47 -5.21
C PRO A 250 -14.55 -23.63 -4.16
N ASN A 251 -13.79 -22.85 -3.40
CA ASN A 251 -14.31 -22.04 -2.30
C ASN A 251 -13.94 -20.57 -2.67
N SER A 252 -14.34 -20.13 -3.88
CA SER A 252 -14.31 -18.71 -4.28
C SER A 252 -15.70 -18.03 -4.28
N ARG A 253 -15.85 -16.99 -3.45
CA ARG A 253 -17.10 -16.22 -3.37
C ARG A 253 -17.55 -15.67 -4.73
N TYR A 254 -16.60 -15.20 -5.54
CA TYR A 254 -16.91 -14.64 -6.85
C TYR A 254 -17.56 -15.67 -7.76
N LEU A 255 -16.90 -16.83 -7.91
CA LEU A 255 -17.47 -17.93 -8.69
C LEU A 255 -18.85 -18.42 -8.17
N LYS A 256 -19.03 -18.39 -6.85
CA LYS A 256 -20.31 -18.74 -6.25
C LYS A 256 -21.37 -17.73 -6.65
N THR A 257 -21.01 -16.44 -6.63
CA THR A 257 -21.95 -15.37 -7.09
C THR A 257 -22.27 -15.48 -8.60
N GLN A 258 -21.29 -15.90 -9.41
CA GLN A 258 -21.52 -16.16 -10.84
C GLN A 258 -22.53 -17.31 -11.08
N ARG A 259 -22.35 -18.41 -10.36
CA ARG A 259 -23.25 -19.58 -10.44
C ARG A 259 -24.70 -19.17 -10.15
N ALA A 260 -24.89 -18.41 -9.07
CA ALA A 260 -26.21 -17.85 -8.74
C ALA A 260 -26.76 -17.02 -9.91
N LEU A 261 -25.91 -16.15 -10.46
CA LEU A 261 -26.30 -15.29 -11.58
C LEU A 261 -26.64 -16.06 -12.86
N LEU A 262 -25.93 -17.14 -13.13
CA LEU A 262 -26.24 -18.00 -14.30
C LEU A 262 -27.55 -18.74 -14.12
N THR A 263 -27.71 -19.39 -12.98
CA THR A 263 -28.95 -20.14 -12.72
C THR A 263 -30.16 -19.20 -12.83
N TYR A 264 -30.00 -17.95 -12.37
CA TYR A 264 -31.06 -16.94 -12.49
C TYR A 264 -31.36 -16.48 -13.92
N ASP A 265 -30.33 -16.27 -14.73
CA ASP A 265 -30.57 -15.96 -16.17
C ASP A 265 -31.28 -17.07 -16.92
N SER A 266 -30.85 -18.31 -16.73
CA SER A 266 -31.48 -19.43 -17.43
C SER A 266 -32.96 -19.55 -17.10
N ARG A 267 -33.32 -19.14 -15.88
CA ARG A 267 -34.66 -19.33 -15.34
C ARG A 267 -35.70 -18.34 -15.87
N LEU A 268 -35.28 -17.40 -16.76
CA LEU A 268 -36.18 -16.41 -17.36
C LEU A 268 -36.48 -16.68 -18.85
N LEU B 3 -3.03 -25.64 -10.31
CA LEU B 3 -1.90 -25.75 -11.30
C LEU B 3 -0.57 -25.15 -10.83
N ARG B 4 -0.56 -24.41 -9.73
CA ARG B 4 0.70 -23.96 -9.09
C ARG B 4 1.56 -23.11 -10.04
N GLU B 5 0.84 -22.34 -10.85
CA GLU B 5 1.41 -21.45 -11.85
C GLU B 5 0.38 -20.33 -11.98
N ILE B 6 -0.88 -20.76 -11.99
CA ILE B 6 -2.05 -19.95 -11.62
C ILE B 6 -1.83 -19.26 -10.28
N ARG B 7 -1.36 -20.01 -9.29
CA ARG B 7 -0.89 -19.44 -8.04
C ARG B 7 0.08 -18.29 -8.36
N ASN B 8 1.19 -18.62 -8.98
CA ASN B 8 2.27 -17.66 -9.21
C ASN B 8 1.87 -16.41 -10.02
N CYS B 9 1.03 -16.58 -11.04
CA CYS B 9 0.46 -15.45 -11.78
C CYS B 9 -0.45 -14.56 -10.92
N LEU B 10 -1.25 -15.16 -10.03
CA LEU B 10 -2.01 -14.39 -9.03
C LEU B 10 -1.10 -13.60 -8.08
N LEU B 11 0.03 -14.19 -7.70
CA LEU B 11 1.02 -13.50 -6.84
C LEU B 11 1.69 -12.34 -7.55
N LYS B 12 2.10 -12.56 -8.81
CA LYS B 12 2.70 -11.50 -9.62
C LYS B 12 1.72 -10.34 -9.83
N CYS B 13 0.44 -10.66 -10.01
CA CYS B 13 -0.62 -9.64 -10.13
C CYS B 13 -0.77 -8.84 -8.83
N ILE B 14 -0.95 -9.58 -7.73
CA ILE B 14 -1.06 -8.97 -6.39
C ILE B 14 0.10 -8.02 -6.11
N SER B 15 1.32 -8.44 -6.44
CA SER B 15 2.53 -7.62 -6.23
C SER B 15 2.54 -6.35 -7.13
N GLU B 16 2.23 -6.51 -8.43
CA GLU B 16 2.23 -5.40 -9.39
C GLU B 16 1.09 -4.41 -9.18
N CYS B 17 -0.08 -4.93 -8.86
CA CYS B 17 -1.26 -4.11 -8.59
C CYS B 17 -1.16 -3.36 -7.26
N SER B 18 -0.65 -4.02 -6.22
CA SER B 18 -0.39 -3.33 -4.96
C SER B 18 0.58 -2.19 -5.15
N GLU B 19 1.66 -2.46 -5.89
CA GLU B 19 2.66 -1.43 -6.24
C GLU B 19 2.10 -0.23 -6.98
N ARG B 20 0.97 -0.44 -7.67
CA ARG B 20 0.42 0.55 -8.57
C ARG B 20 -0.78 1.24 -7.99
N GLY B 21 -1.10 0.85 -6.76
CA GLY B 21 -2.25 1.35 -6.07
C GLY B 21 -3.56 0.75 -6.49
N LEU B 22 -3.59 -0.29 -7.34
CA LEU B 22 -4.86 -0.91 -7.76
C LEU B 22 -5.36 -1.87 -6.68
N VAL B 23 -6.04 -1.31 -5.69
CA VAL B 23 -6.51 -2.08 -4.51
C VAL B 23 -7.61 -3.10 -4.80
N TYR B 24 -8.56 -2.77 -5.67
CA TYR B 24 -9.69 -3.66 -5.96
C TYR B 24 -9.27 -4.86 -6.80
N ALA B 25 -8.38 -4.62 -7.76
CA ALA B 25 -7.70 -5.69 -8.49
C ALA B 25 -6.94 -6.66 -7.58
N VAL B 26 -6.29 -6.15 -6.54
CA VAL B 26 -5.57 -6.98 -5.60
C VAL B 26 -6.55 -7.83 -4.80
N ARG B 27 -7.57 -7.18 -4.24
CA ARG B 27 -8.59 -7.85 -3.41
C ARG B 27 -9.15 -9.08 -4.12
N TRP B 28 -9.62 -8.87 -5.35
CA TRP B 28 -10.10 -9.96 -6.22
C TRP B 28 -9.07 -11.10 -6.35
N ALA B 29 -7.86 -10.75 -6.80
CA ALA B 29 -6.79 -11.73 -7.00
C ALA B 29 -6.49 -12.53 -5.74
N ALA B 30 -6.49 -11.84 -4.61
CA ALA B 30 -6.26 -12.48 -3.32
C ALA B 30 -7.38 -13.47 -3.01
N GLU B 31 -8.62 -13.03 -3.18
CA GLU B 31 -9.77 -13.89 -2.92
C GLU B 31 -9.69 -15.16 -3.76
N MET B 32 -9.29 -15.01 -5.02
CA MET B 32 -9.11 -16.15 -5.92
C MET B 32 -8.00 -17.05 -5.41
N LEU B 33 -6.89 -16.43 -5.03
CA LEU B 33 -5.70 -17.16 -4.58
C LEU B 33 -6.01 -18.05 -3.41
N ASN B 34 -6.67 -17.49 -2.39
CA ASN B 34 -7.11 -18.27 -1.23
C ASN B 34 -8.30 -19.15 -1.55
N GLY B 35 -8.95 -18.97 -2.70
CA GLY B 35 -10.03 -19.86 -3.10
C GLY B 35 -9.64 -21.14 -3.83
N MET B 36 -8.38 -21.56 -3.80
CA MET B 36 -7.93 -22.82 -4.41
C MET B 36 -7.55 -23.81 -3.31
N ASN B 37 -7.44 -25.11 -3.62
CA ASN B 37 -6.93 -26.08 -2.64
C ASN B 37 -5.44 -25.86 -2.33
N PRO B 38 -4.91 -26.44 -1.21
CA PRO B 38 -3.46 -26.39 -1.00
C PRO B 38 -2.64 -27.37 -1.87
N MET B 60 14.90 -19.10 15.73
CA MET B 60 15.68 -17.97 16.24
C MET B 60 16.24 -17.07 15.09
N ALA B 61 15.36 -16.55 14.20
CA ALA B 61 13.88 -16.53 14.27
C ALA B 61 13.12 -17.48 13.29
N ASN B 62 12.15 -18.23 13.84
CA ASN B 62 11.15 -19.01 13.10
C ASN B 62 9.95 -18.12 12.68
N GLU B 63 9.91 -16.85 13.12
CA GLU B 63 8.85 -15.94 12.68
C GLU B 63 8.66 -15.97 11.16
N LYS B 64 9.75 -15.82 10.39
CA LYS B 64 9.66 -15.82 8.92
C LYS B 64 9.01 -17.09 8.37
N LEU B 65 9.18 -18.22 9.05
CA LEU B 65 8.58 -19.48 8.63
C LEU B 65 7.05 -19.41 8.73
N LEU B 66 6.51 -18.85 9.82
CA LEU B 66 5.06 -18.60 9.94
C LEU B 66 4.53 -17.58 8.93
N GLU B 67 5.36 -16.59 8.61
CA GLU B 67 5.00 -15.62 7.58
C GLU B 67 4.80 -16.30 6.22
N VAL B 68 5.60 -17.33 5.95
CA VAL B 68 5.48 -18.12 4.70
C VAL B 68 4.21 -18.96 4.74
N GLU B 69 3.95 -19.59 5.87
CA GLU B 69 2.68 -20.31 6.10
C GLU B 69 1.44 -19.45 5.85
N GLU B 70 1.50 -18.20 6.30
CA GLU B 70 0.34 -17.30 6.27
C GLU B 70 0.40 -16.27 5.13
N LYS B 71 1.38 -16.39 4.23
CA LYS B 71 1.54 -15.49 3.08
C LYS B 71 0.23 -15.19 2.40
N ASN B 72 -0.48 -16.23 2.01
CA ASN B 72 -1.76 -16.07 1.30
C ASN B 72 -2.86 -15.43 2.15
N ILE B 73 -2.98 -15.90 3.38
CA ILE B 73 -3.99 -15.39 4.32
C ILE B 73 -3.70 -13.92 4.65
N TYR B 74 -2.41 -13.59 4.79
CA TYR B 74 -2.00 -12.21 5.04
C TYR B 74 -2.34 -11.33 3.84
N LEU B 75 -1.82 -11.72 2.67
CA LEU B 75 -2.07 -11.00 1.43
C LEU B 75 -3.54 -10.63 1.23
N LEU B 76 -4.43 -11.56 1.57
CA LEU B 76 -5.88 -11.31 1.56
C LEU B 76 -6.28 -10.22 2.54
N ALA B 77 -5.98 -10.42 3.82
CA ALA B 77 -6.34 -9.46 4.86
C ALA B 77 -5.84 -8.05 4.55
N LYS B 78 -4.58 -7.96 4.10
CA LYS B 78 -3.99 -6.67 3.71
C LYS B 78 -4.77 -5.99 2.57
N SER B 79 -5.26 -6.80 1.63
CA SER B 79 -6.11 -6.31 0.54
C SER B 79 -7.39 -5.69 1.06
N TYR B 80 -8.06 -6.38 1.99
CA TYR B 80 -9.24 -5.84 2.67
C TYR B 80 -8.88 -4.58 3.45
N PHE B 81 -7.74 -4.61 4.12
CA PHE B 81 -7.24 -3.48 4.89
C PHE B 81 -7.02 -2.24 4.00
N ASP B 82 -6.47 -2.44 2.80
CA ASP B 82 -6.23 -1.33 1.86
C ASP B 82 -7.50 -0.78 1.24
N CYS B 83 -8.56 -1.58 1.25
CA CYS B 83 -9.89 -1.10 0.89
C CYS B 83 -10.68 -0.57 2.12
N LYS B 84 -10.00 -0.27 3.22
CA LYS B 84 -10.62 0.21 4.47
C LYS B 84 -11.70 -0.75 5.03
N GLU B 85 -11.57 -2.04 4.72
CA GLU B 85 -12.51 -3.07 5.20
C GLU B 85 -11.88 -3.73 6.41
N PHE B 86 -11.77 -2.95 7.50
CA PHE B 86 -10.90 -3.31 8.62
C PHE B 86 -11.37 -4.54 9.40
N GLU B 87 -12.65 -4.58 9.76
CA GLU B 87 -13.20 -5.70 10.55
C GLU B 87 -12.98 -7.03 9.80
N ARG B 88 -13.27 -7.02 8.51
CA ARG B 88 -13.04 -8.17 7.62
C ARG B 88 -11.58 -8.62 7.60
N ALA B 89 -10.67 -7.64 7.57
CA ALA B 89 -9.24 -7.91 7.58
C ALA B 89 -8.85 -8.66 8.84
N ALA B 90 -9.37 -8.20 9.98
CA ALA B 90 -9.10 -8.81 11.29
C ALA B 90 -9.65 -10.22 11.40
N TYR B 91 -10.92 -10.40 11.02
CA TYR B 91 -11.53 -11.72 11.00
C TYR B 91 -10.69 -12.69 10.15
N THR B 92 -10.21 -12.23 9.00
CA THR B 92 -9.40 -13.08 8.11
C THR B 92 -8.22 -13.72 8.85
N LEU B 93 -7.49 -12.95 9.64
CA LEU B 93 -6.31 -13.46 10.33
C LEU B 93 -6.57 -13.89 11.77
N GLN B 94 -7.79 -14.32 12.09
CA GLN B 94 -8.10 -14.56 13.51
C GLN B 94 -7.27 -15.70 14.14
N ASN B 95 -6.97 -16.74 13.34
CA ASN B 95 -6.17 -17.90 13.82
C ASN B 95 -4.71 -17.87 13.35
N CYS B 96 -4.18 -16.69 13.04
CA CYS B 96 -2.80 -16.55 12.56
C CYS B 96 -1.83 -16.23 13.68
N LYS B 97 -0.67 -16.89 13.67
CA LYS B 97 0.28 -16.87 14.77
C LYS B 97 1.52 -15.97 14.56
N SER B 98 1.79 -15.53 13.33
CA SER B 98 2.94 -14.64 13.08
C SER B 98 2.63 -13.24 13.61
N SER B 99 3.64 -12.57 14.17
CA SER B 99 3.47 -11.26 14.80
C SER B 99 3.03 -10.21 13.80
N LYS B 100 3.43 -10.36 12.52
CA LYS B 100 2.90 -9.53 11.44
C LYS B 100 1.39 -9.67 11.31
N SER B 101 0.91 -10.91 11.26
CA SER B 101 -0.53 -11.19 11.17
C SER B 101 -1.25 -10.70 12.42
N ILE B 102 -0.65 -10.96 13.59
CA ILE B 102 -1.23 -10.57 14.88
C ILE B 102 -1.32 -9.05 14.91
N PHE B 103 -0.21 -8.39 14.56
CA PHE B 103 -0.16 -6.94 14.54
C PHE B 103 -1.24 -6.38 13.64
N LEU B 104 -1.28 -6.86 12.40
CA LEU B 104 -2.27 -6.39 11.41
C LEU B 104 -3.67 -6.60 11.96
N ARG B 105 -3.93 -7.77 12.54
CA ARG B 105 -5.22 -8.06 13.15
C ARG B 105 -5.57 -7.02 14.19
N LEU B 106 -4.69 -6.85 15.17
CA LEU B 106 -4.92 -5.89 16.24
C LEU B 106 -4.97 -4.42 15.75
N TYR B 107 -4.20 -4.08 14.73
CA TYR B 107 -4.18 -2.73 14.17
C TYR B 107 -5.47 -2.42 13.42
N SER B 108 -5.90 -3.36 12.58
CA SER B 108 -7.21 -3.32 11.92
C SER B 108 -8.32 -3.02 12.94
N LYS B 109 -8.26 -3.71 14.08
CA LYS B 109 -9.25 -3.51 15.15
C LYS B 109 -9.19 -2.09 15.72
N TYR B 110 -7.99 -1.66 16.08
CA TYR B 110 -7.77 -0.27 16.56
C TYR B 110 -8.35 0.75 15.61
N LEU B 111 -8.00 0.65 14.33
CA LEU B 111 -8.47 1.61 13.35
C LEU B 111 -9.97 1.62 13.19
N ALA B 112 -10.53 0.43 13.00
CA ALA B 112 -12.00 0.25 13.07
C ALA B 112 -12.61 0.79 14.35
N GLY B 113 -11.91 0.60 15.47
CA GLY B 113 -12.31 1.18 16.75
C GLY B 113 -12.29 2.69 16.75
N GLU B 114 -11.23 3.28 16.21
CA GLU B 114 -11.05 4.73 16.19
C GLU B 114 -12.04 5.45 15.26
N LYS B 115 -12.48 4.81 14.18
CA LYS B 115 -13.52 5.40 13.32
C LYS B 115 -14.87 5.39 14.06
N LYS B 116 -15.16 4.29 14.77
CA LYS B 116 -16.41 4.20 15.56
C LYS B 116 -16.51 5.22 16.72
N SER B 117 -15.39 5.87 17.07
CA SER B 117 -15.38 6.89 18.12
C SER B 117 -16.41 7.97 17.79
N GLU B 118 -16.40 8.44 16.55
CA GLU B 118 -17.32 9.48 16.05
C GLU B 118 -18.61 8.89 15.48
N ASN B 135 -14.59 4.59 25.94
CA ASN B 135 -14.32 3.63 24.88
C ASN B 135 -13.56 2.40 25.44
N ARG B 136 -14.05 1.20 25.10
CA ARG B 136 -13.38 -0.10 25.26
C ARG B 136 -12.70 -0.41 23.89
N GLU B 137 -12.64 -1.66 23.38
CA GLU B 137 -11.89 -1.98 22.11
C GLU B 137 -10.35 -1.88 22.22
N PHE B 138 -9.91 -0.76 22.76
CA PHE B 138 -8.54 -0.58 23.27
C PHE B 138 -8.33 -1.56 24.42
N TYR B 139 -9.39 -1.90 25.17
CA TYR B 139 -9.30 -2.88 26.23
C TYR B 139 -8.86 -4.24 25.69
N TYR B 140 -9.62 -4.77 24.72
CA TYR B 140 -9.33 -6.08 24.14
C TYR B 140 -7.92 -6.10 23.59
N ILE B 141 -7.57 -5.08 22.82
CA ILE B 141 -6.20 -4.92 22.32
C ILE B 141 -5.21 -4.96 23.48
N SER B 142 -5.46 -4.15 24.51
CA SER B 142 -4.59 -4.10 25.68
C SER B 142 -4.31 -5.51 26.22
N GLU B 143 -5.39 -6.24 26.48
CA GLU B 143 -5.35 -7.59 27.03
C GLU B 143 -4.59 -8.56 26.17
N VAL B 144 -4.89 -8.54 24.87
CA VAL B 144 -4.23 -9.42 23.91
C VAL B 144 -2.74 -9.13 23.93
N LEU B 145 -2.36 -7.86 24.03
CA LEU B 145 -0.96 -7.48 24.06
C LEU B 145 -0.28 -7.91 25.35
N GLU B 146 -0.98 -7.80 26.48
CA GLU B 146 -0.45 -8.26 27.76
C GLU B 146 -0.10 -9.75 27.76
N SER B 147 -1.05 -10.60 27.39
CA SER B 147 -0.81 -12.05 27.31
C SER B 147 0.41 -12.40 26.43
N LEU B 148 0.50 -11.75 25.28
CA LEU B 148 1.66 -11.90 24.37
C LEU B 148 3.00 -11.46 24.99
N HIS B 149 3.01 -10.47 25.86
CA HIS B 149 4.26 -10.00 26.49
C HIS B 149 4.73 -10.98 27.57
N TYR B 150 3.82 -11.53 28.38
CA TYR B 150 4.26 -12.59 29.31
C TYR B 150 4.84 -13.77 28.54
N GLN B 151 4.19 -14.12 27.43
CA GLN B 151 4.72 -15.14 26.55
C GLN B 151 5.95 -14.46 25.94
N GLY B 152 6.96 -15.22 25.52
CA GLY B 152 8.22 -14.56 25.14
C GLY B 152 8.22 -13.34 24.21
N ASN B 153 7.06 -12.91 23.72
CA ASN B 153 6.96 -11.95 22.61
C ASN B 153 7.30 -10.52 22.99
N LYS B 154 8.12 -9.89 22.16
CA LYS B 154 8.37 -8.45 22.23
C LYS B 154 8.79 -8.02 20.82
N ASP B 155 7.96 -8.38 19.84
CA ASP B 155 8.07 -7.89 18.47
C ASP B 155 7.85 -6.38 18.56
N PRO B 156 8.66 -5.58 17.85
CA PRO B 156 8.58 -4.12 18.02
C PRO B 156 7.24 -3.50 17.58
N TYR B 157 6.65 -3.99 16.50
CA TYR B 157 5.42 -3.41 15.98
C TYR B 157 4.24 -3.65 16.95
N LEU B 158 4.26 -4.79 17.65
CA LEU B 158 3.32 -5.03 18.76
C LEU B 158 3.62 -4.14 19.98
N LEU B 159 4.90 -4.00 20.32
CA LEU B 159 5.29 -3.06 21.38
C LEU B 159 4.80 -1.65 21.04
N TYR B 160 5.01 -1.25 19.79
CA TYR B 160 4.46 0.00 19.25
C TYR B 160 2.96 0.11 19.53
N LEU B 161 2.23 -0.90 19.10
CA LEU B 161 0.79 -0.94 19.31
C LEU B 161 0.47 -0.77 20.79
N SER B 162 1.13 -1.54 21.65
CA SER B 162 0.94 -1.42 23.10
C SER B 162 1.15 0.02 23.53
N GLY B 163 2.31 0.56 23.17
CA GLY B 163 2.67 1.95 23.45
C GLY B 163 1.62 2.97 23.05
N VAL B 164 1.07 2.82 21.85
CA VAL B 164 0.01 3.70 21.35
C VAL B 164 -1.24 3.63 22.22
N VAL B 165 -1.70 2.41 22.48
CA VAL B 165 -2.94 2.17 23.22
C VAL B 165 -2.86 2.73 24.65
N TYR B 166 -1.71 2.55 25.31
CA TYR B 166 -1.51 3.09 26.67
C TYR B 166 -1.58 4.63 26.71
N ARG B 167 -1.01 5.30 25.71
CA ARG B 167 -1.11 6.76 25.60
C ARG B 167 -2.56 7.20 25.50
N LYS B 168 -3.30 6.59 24.57
CA LYS B 168 -4.74 6.84 24.41
C LYS B 168 -5.56 6.62 25.68
N ARG B 169 -5.12 5.69 26.52
CA ARG B 169 -5.74 5.48 27.83
C ARG B 169 -5.09 6.31 28.95
N LYS B 170 -4.43 7.42 28.58
CA LYS B 170 -3.77 8.34 29.51
C LYS B 170 -2.79 7.71 30.51
N GLN B 171 -2.07 6.68 30.05
CA GLN B 171 -1.00 6.03 30.83
C GLN B 171 0.34 6.34 30.19
N ASP B 172 0.80 7.58 30.39
CA ASP B 172 2.00 8.08 29.73
C ASP B 172 3.26 7.29 30.09
N SER B 173 3.50 7.10 31.39
CA SER B 173 4.74 6.46 31.85
C SER B 173 4.88 5.02 31.34
N LYS B 174 3.75 4.34 31.16
CA LYS B 174 3.72 3.00 30.56
C LYS B 174 3.90 3.01 29.04
N ALA B 175 3.33 4.01 28.37
CA ALA B 175 3.47 4.20 26.93
C ALA B 175 4.93 4.41 26.55
N ILE B 176 5.61 5.26 27.32
CA ILE B 176 7.04 5.50 27.15
C ILE B 176 7.81 4.17 27.27
N ASP B 177 7.46 3.37 28.27
CA ASP B 177 8.14 2.09 28.49
C ASP B 177 8.15 1.21 27.24
N PHE B 178 6.95 0.98 26.70
CA PHE B 178 6.79 0.16 25.49
C PHE B 178 7.39 0.79 24.24
N LEU B 179 7.16 2.08 24.04
CA LEU B 179 7.71 2.78 22.87
C LEU B 179 9.25 2.83 22.90
N LYS B 180 9.82 3.01 24.09
CA LYS B 180 11.29 2.92 24.28
C LYS B 180 11.84 1.57 23.82
N SER B 181 11.20 0.47 24.24
CA SER B 181 11.60 -0.88 23.84
C SER B 181 11.56 -1.00 22.33
N CYS B 182 10.40 -0.70 21.76
CA CYS B 182 10.21 -0.66 20.32
C CYS B 182 11.41 -0.04 19.60
N VAL B 183 11.73 1.22 19.91
CA VAL B 183 12.74 1.97 19.15
C VAL B 183 14.17 1.46 19.30
N LEU B 184 14.47 0.82 20.45
CA LEU B 184 15.74 0.13 20.63
C LEU B 184 15.89 -1.03 19.63
N LYS B 185 14.81 -1.77 19.45
CA LYS B 185 14.74 -2.87 18.47
C LYS B 185 14.55 -2.39 17.02
N ALA B 186 13.68 -1.39 16.83
CA ALA B 186 13.29 -0.89 15.49
C ALA B 186 13.63 0.60 15.36
N PRO B 187 14.93 0.95 15.37
CA PRO B 187 15.36 2.34 15.47
C PRO B 187 14.97 3.28 14.34
N PHE B 188 14.69 2.77 13.14
CA PHE B 188 14.25 3.60 12.00
C PHE B 188 12.72 3.64 11.78
N PHE B 189 11.96 3.22 12.80
CA PHE B 189 10.51 3.20 12.72
C PHE B 189 9.94 4.50 13.31
N TRP B 190 9.77 5.47 12.42
CA TRP B 190 9.45 6.84 12.82
C TRP B 190 8.19 6.98 13.67
N SER B 191 7.12 6.30 13.26
CA SER B 191 5.83 6.42 13.94
C SER B 191 5.95 6.15 15.45
N ALA B 192 6.88 5.28 15.85
CA ALA B 192 7.15 4.98 17.27
C ALA B 192 7.86 6.11 17.99
N TRP B 193 8.78 6.79 17.31
CA TRP B 193 9.45 7.98 17.87
C TRP B 193 8.48 9.14 18.08
N LEU B 194 7.53 9.29 17.17
CA LEU B 194 6.54 10.37 17.23
C LEU B 194 5.57 10.16 18.39
N GLU B 195 5.03 8.95 18.53
CA GLU B 195 4.20 8.56 19.67
C GLU B 195 4.96 8.71 20.98
N LEU B 196 6.24 8.39 20.96
CA LEU B 196 7.13 8.57 22.11
C LEU B 196 7.18 10.05 22.49
N SER B 197 7.53 10.91 21.52
CA SER B 197 7.53 12.37 21.72
C SER B 197 6.18 12.89 22.22
N LEU B 198 5.08 12.36 21.68
CA LEU B 198 3.74 12.71 22.16
C LEU B 198 3.47 12.25 23.59
N SER B 199 4.04 11.12 23.99
CA SER B 199 3.95 10.64 25.38
C SER B 199 4.81 11.41 26.38
N ILE B 200 5.73 12.24 25.89
CA ILE B 200 6.64 13.04 26.74
C ILE B 200 6.06 14.44 26.90
N ASP B 201 5.93 14.89 28.16
CA ASP B 201 5.28 16.17 28.50
C ASP B 201 6.12 17.15 29.32
N SER B 202 7.34 16.75 29.70
CA SER B 202 8.27 17.66 30.38
C SER B 202 9.69 17.44 29.87
N LEU B 203 10.53 18.43 30.07
CA LEU B 203 11.95 18.35 29.70
C LEU B 203 12.66 17.33 30.58
N GLU B 204 12.24 17.24 31.85
CA GLU B 204 12.68 16.16 32.74
C GLU B 204 12.42 14.78 32.13
N THR B 205 11.15 14.43 31.95
CA THR B 205 10.75 13.17 31.32
C THR B 205 11.51 12.93 30.03
N LEU B 206 11.78 13.98 29.26
CA LEU B 206 12.57 13.86 28.04
C LEU B 206 14.01 13.48 28.37
N THR B 207 14.71 14.35 29.09
CA THR B 207 16.12 14.10 29.46
C THR B 207 16.36 12.69 29.99
N THR B 208 15.44 12.23 30.85
CA THR B 208 15.42 10.86 31.35
C THR B 208 15.52 9.84 30.22
N VAL B 209 14.50 9.81 29.37
CA VAL B 209 14.38 8.84 28.28
C VAL B 209 15.60 8.85 27.36
N VAL B 210 16.07 10.04 27.00
CA VAL B 210 17.20 10.23 26.08
C VAL B 210 18.45 9.56 26.63
N SER B 211 18.63 9.64 27.94
CA SER B 211 19.74 8.98 28.64
C SER B 211 19.67 7.45 28.65
N GLN B 212 18.56 6.88 28.16
CA GLN B 212 18.39 5.43 28.05
C GLN B 212 18.43 4.91 26.60
N LEU B 213 18.68 5.80 25.64
CA LEU B 213 18.79 5.42 24.22
C LEU B 213 20.24 5.48 23.80
N PRO B 214 20.65 4.68 22.79
CA PRO B 214 22.01 4.78 22.27
C PRO B 214 22.33 6.21 21.88
N SER B 215 23.06 6.88 22.76
CA SER B 215 23.51 8.22 22.49
C SER B 215 24.53 7.99 21.39
N THR B 216 24.50 8.82 20.36
CA THR B 216 25.36 8.71 19.18
C THR B 216 24.72 7.94 18.04
N HIS B 217 23.67 7.15 18.30
CA HIS B 217 22.87 6.55 17.24
C HIS B 217 21.93 7.55 16.61
N ILE B 218 22.46 8.26 15.64
CA ILE B 218 21.73 8.71 14.48
C ILE B 218 20.24 9.07 14.69
N MET B 219 19.38 8.07 14.87
CA MET B 219 17.97 8.25 15.19
C MET B 219 17.69 8.82 16.58
N THR B 220 18.49 8.42 17.57
CA THR B 220 18.48 9.06 18.90
C THR B 220 18.68 10.57 18.81
N LYS B 221 19.53 10.98 17.87
CA LYS B 221 19.79 12.40 17.62
C LYS B 221 18.60 13.06 16.93
N ILE B 222 18.10 12.42 15.89
CA ILE B 222 16.96 12.94 15.11
C ILE B 222 15.73 13.13 16.01
N PHE B 223 15.54 12.16 16.90
CA PHE B 223 14.51 12.20 17.93
C PHE B 223 14.65 13.41 18.85
N TYR B 224 15.81 13.55 19.46
CA TYR B 224 16.09 14.64 20.40
C TYR B 224 15.83 16.04 19.81
N VAL B 225 16.08 16.20 18.51
CA VAL B 225 15.81 17.46 17.82
C VAL B 225 14.31 17.66 17.70
N TYR B 226 13.61 16.62 17.25
CA TYR B 226 12.15 16.65 17.12
C TYR B 226 11.49 16.94 18.47
N ALA B 227 11.84 16.11 19.45
CA ALA B 227 11.25 16.16 20.78
C ALA B 227 11.46 17.52 21.41
N SER B 228 12.71 17.99 21.43
CA SER B 228 13.01 19.31 22.00
C SER B 228 12.13 20.40 21.39
N HIS B 229 12.05 20.39 20.05
CA HIS B 229 11.23 21.36 19.35
C HIS B 229 9.76 21.21 19.73
N GLU B 230 9.26 19.98 19.69
CA GLU B 230 7.85 19.67 19.96
C GLU B 230 7.45 19.99 21.42
N LEU B 231 8.43 20.00 22.33
CA LEU B 231 8.25 20.52 23.68
C LEU B 231 8.63 22.00 23.84
N HIS B 232 9.26 22.56 22.81
CA HIS B 232 9.77 23.95 22.79
C HIS B 232 10.93 24.30 23.75
N GLN B 233 11.46 23.32 24.49
CA GLN B 233 12.75 23.53 25.21
C GLN B 233 13.87 23.10 24.27
N VAL B 234 14.26 23.99 23.37
CA VAL B 234 15.36 23.77 22.42
C VAL B 234 16.63 24.44 23.00
N ASN B 235 17.79 23.79 22.89
CA ASN B 235 19.04 24.31 23.44
C ASN B 235 20.20 24.16 22.44
N SER B 236 21.39 24.56 22.87
CA SER B 236 22.65 24.40 22.12
C SER B 236 22.76 23.10 21.34
N SER B 237 22.67 22.00 22.08
CA SER B 237 22.95 20.64 21.60
C SER B 237 22.05 20.18 20.47
N ALA B 238 20.80 20.62 20.49
CA ALA B 238 19.86 20.35 19.40
C ALA B 238 20.40 20.78 18.03
N TYR B 239 20.95 21.99 17.96
CA TYR B 239 21.54 22.51 16.72
C TYR B 239 22.76 21.72 16.31
N GLU B 240 23.59 21.37 17.30
CA GLU B 240 24.75 20.48 17.09
C GLU B 240 24.34 19.19 16.41
N LYS B 241 23.34 18.52 16.99
CA LYS B 241 22.87 17.22 16.50
C LYS B 241 22.18 17.31 15.13
N LEU B 242 21.46 18.40 14.88
CA LEU B 242 20.81 18.59 13.59
C LEU B 242 21.84 18.70 12.46
N ALA B 243 22.90 19.47 12.69
CA ALA B 243 24.04 19.53 11.76
C ALA B 243 24.63 18.15 11.44
N GLU B 244 24.78 17.33 12.49
CA GLU B 244 25.28 15.94 12.38
C GLU B 244 24.37 15.03 11.53
N ALA B 245 23.05 15.26 11.63
CA ALA B 245 22.08 14.54 10.81
C ALA B 245 22.08 15.02 9.36
N GLU B 246 22.28 16.32 9.15
CA GLU B 246 22.22 16.93 7.84
C GLU B 246 23.37 16.51 6.93
N ILE B 247 24.52 16.16 7.54
CA ILE B 247 25.61 15.65 6.70
C ILE B 247 25.31 14.21 6.22
N ILE B 248 24.45 13.48 6.95
CA ILE B 248 23.99 12.14 6.49
C ILE B 248 22.87 12.29 5.45
N PHE B 249 21.90 13.16 5.74
CA PHE B 249 20.72 13.36 4.89
C PHE B 249 20.66 14.82 4.38
N PRO B 250 21.54 15.21 3.41
CA PRO B 250 21.60 16.62 3.00
C PRO B 250 20.36 17.18 2.31
N ASN B 251 19.62 16.37 1.55
CA ASN B 251 18.40 16.86 0.84
C ASN B 251 17.08 16.28 1.33
N SER B 252 17.02 15.99 2.62
CA SER B 252 15.84 15.37 3.21
C SER B 252 14.84 16.44 3.58
N ARG B 253 13.65 16.37 3.00
CA ARG B 253 12.57 17.34 3.24
C ARG B 253 12.25 17.49 4.73
N TYR B 254 12.24 16.36 5.44
CA TYR B 254 11.96 16.34 6.88
C TYR B 254 13.00 17.15 7.66
N LEU B 255 14.28 16.83 7.48
CA LEU B 255 15.36 17.59 8.13
C LEU B 255 15.35 19.07 7.79
N LYS B 256 15.00 19.39 6.54
CA LYS B 256 14.92 20.76 6.09
C LYS B 256 13.81 21.48 6.85
N THR B 257 12.66 20.81 7.01
CA THR B 257 11.56 21.35 7.81
C THR B 257 11.96 21.55 9.28
N GLN B 258 12.72 20.62 9.83
CA GLN B 258 13.21 20.73 11.20
C GLN B 258 14.11 21.96 11.39
N ARG B 259 15.03 22.17 10.47
CA ARG B 259 15.95 23.31 10.49
C ARG B 259 15.19 24.64 10.51
N ALA B 260 14.20 24.77 9.63
CA ALA B 260 13.31 25.92 9.64
C ALA B 260 12.65 26.09 11.01
N LEU B 261 12.13 24.98 11.56
CA LEU B 261 11.46 24.99 12.86
C LEU B 261 12.37 25.37 14.03
N LEU B 262 13.63 24.94 13.99
CA LEU B 262 14.63 25.33 15.02
C LEU B 262 15.01 26.81 14.90
N THR B 263 15.32 27.24 13.67
CA THR B 263 15.69 28.63 13.41
C THR B 263 14.58 29.60 13.77
N TYR B 264 13.33 29.15 13.67
CA TYR B 264 12.22 29.88 14.24
C TYR B 264 12.41 29.89 15.75
N ASP B 265 12.42 28.72 16.37
CA ASP B 265 12.65 28.57 17.82
C ASP B 265 13.75 29.50 18.39
N SER B 266 14.83 29.68 17.64
CA SER B 266 15.90 30.65 17.98
C SER B 266 15.50 32.14 17.77
N ARG B 267 15.25 32.85 18.87
CA ARG B 267 14.81 34.25 18.81
C ARG B 267 14.73 34.86 20.21
N ASN B 278 8.63 29.59 1.80
CA ASN B 278 8.33 29.70 3.23
C ASN B 278 7.66 28.43 3.74
N ILE B 279 7.96 28.10 5.01
CA ILE B 279 7.47 26.88 5.66
C ILE B 279 6.40 27.16 6.72
N LEU B 280 6.62 28.20 7.53
CA LEU B 280 5.68 28.64 8.57
C LEU B 280 4.25 28.80 8.03
N THR B 281 4.16 29.36 6.82
CA THR B 281 2.92 29.39 6.02
C THR B 281 2.13 28.06 5.98
N ASN B 282 2.84 26.93 5.98
CA ASN B 282 2.20 25.59 5.95
C ASN B 282 1.51 25.21 7.27
N ASP B 283 0.85 24.06 7.24
CA ASP B 283 0.10 23.47 8.35
C ASP B 283 1.04 22.90 9.45
N PRO B 284 0.87 23.35 10.72
CA PRO B 284 1.71 22.80 11.81
C PRO B 284 1.63 21.28 11.93
N ALA B 285 0.42 20.72 11.78
CA ALA B 285 0.21 19.27 11.73
C ALA B 285 1.03 18.56 10.67
N GLU B 286 1.21 19.21 9.52
CA GLU B 286 2.02 18.68 8.43
C GLU B 286 3.50 18.79 8.71
N ASN B 287 3.92 19.89 9.35
CA ASN B 287 5.34 20.14 9.66
C ASN B 287 5.86 19.28 10.81
N LEU B 288 5.00 19.02 11.80
CA LEU B 288 5.29 18.07 12.88
C LEU B 288 5.08 16.60 12.49
N TYR B 289 4.58 16.37 11.29
CA TYR B 289 4.41 15.04 10.67
C TYR B 289 3.36 14.17 11.37
N PHE B 290 2.40 14.84 11.97
CA PHE B 290 1.22 14.21 12.48
C PHE B 290 0.41 13.76 11.30
N GLN B 291 0.49 14.54 10.23
CA GLN B 291 -0.32 14.37 9.05
C GLN B 291 0.49 14.14 7.82
#